data_4U1Z
#
_entry.id   4U1Z
#
_cell.length_a   64.040
_cell.length_b   90.610
_cell.length_c   48.350
_cell.angle_alpha   90.000
_cell.angle_beta   90.000
_cell.angle_gamma   90.000
#
_symmetry.space_group_name_H-M   'P 21 21 2'
#
loop_
_entity.id
_entity.type
_entity.pdbx_description
1 polymer 'Glutamate receptor 2,Glutamate receptor 2'
2 non-polymer 3-(CARBOXYMETHYL)-4-ISOPROPENYLPROLINE
3 non-polymer "N,N'-[biphenyl-4,4'-diyldi(2R)propane-2,1-diyl]dipropane-2-sulfonamide"
4 water water
#
_entity_poly.entity_id   1
_entity_poly.type   'polypeptide(L)'
_entity_poly.pdbx_seq_one_letter_code
;GANKTVVVTTILESPYVMMKKNHEMLEGNERYEGYCVDLAAEIAKHCGFKYKLTIVGDGKYGARDADTKIWNGMVGELVY
GKADIAIAPLTITLVREEVIDFSKPFMSLGISIMIKKGTPIESAEDLSKQTEIAYGTLDSGSTKEFFRRSKIAVFDKMWT
YMRSAEPSVFVRTTAEGVARVRKSKGKYAYLLESTMNEYIEQRKPCDTMKVGGNLDSKGYGIATPKGSSLGTPVNLAVLK
LSEQGVLDKLKNKWWYDKGECGS
;
_entity_poly.pdbx_strand_id   A
#
# COMPACT_ATOMS: atom_id res chain seq x y z
N ALA A 2 -21.72 22.29 -13.82
CA ALA A 2 -21.42 21.29 -14.84
C ALA A 2 -20.32 20.35 -14.37
N ASN A 3 -20.44 19.08 -14.74
CA ASN A 3 -19.45 18.09 -14.37
C ASN A 3 -18.09 18.47 -14.91
N LYS A 4 -17.08 18.28 -14.08
CA LYS A 4 -15.71 18.61 -14.41
C LYS A 4 -14.89 17.33 -14.28
N THR A 5 -13.97 17.10 -15.22
CA THR A 5 -13.14 15.89 -15.18
C THR A 5 -12.48 15.68 -13.82
N VAL A 6 -12.57 14.45 -13.30
CA VAL A 6 -12.08 14.14 -11.98
C VAL A 6 -10.60 13.84 -12.00
N VAL A 7 -9.83 14.58 -11.20
CA VAL A 7 -8.40 14.30 -11.10
C VAL A 7 -8.13 13.23 -10.07
N VAL A 8 -7.70 12.07 -10.54
CA VAL A 8 -7.33 10.97 -9.65
C VAL A 8 -5.84 11.03 -9.34
N THR A 9 -5.49 11.11 -8.06
CA THR A 9 -4.09 10.93 -7.68
C THR A 9 -3.82 9.48 -7.31
N THR A 10 -2.71 8.95 -7.80
CA THR A 10 -2.33 7.59 -7.47
C THR A 10 -0.81 7.50 -7.54
N ILE A 11 -0.27 6.29 -7.43
CA ILE A 11 1.16 6.13 -7.31
C ILE A 11 1.58 4.79 -7.91
N LEU A 12 2.77 4.73 -8.49
CA LEU A 12 3.27 3.46 -9.02
C LEU A 12 3.63 2.52 -7.87
N GLU A 13 2.94 1.40 -7.83
CA GLU A 13 3.19 0.36 -6.85
C GLU A 13 2.58 -0.93 -7.39
N SER A 14 3.39 -1.95 -7.61
CA SER A 14 2.91 -3.18 -8.22
C SER A 14 2.13 -3.99 -7.20
N PRO A 15 0.99 -4.60 -7.63
CA PRO A 15 0.40 -4.58 -8.96
C PRO A 15 -0.77 -3.61 -9.05
N TYR A 16 -0.80 -2.62 -8.16
CA TYR A 16 -1.88 -1.63 -8.11
C TYR A 16 -1.84 -0.69 -9.32
N VAL A 17 -0.70 -0.03 -9.53
CA VAL A 17 -0.53 0.82 -10.69
C VAL A 17 0.85 0.58 -11.27
N MET A 18 0.91 0.29 -12.56
CA MET A 18 2.17 -0.03 -13.22
C MET A 18 2.17 0.59 -14.62
N MET A 19 3.34 0.97 -15.11
CA MET A 19 3.44 1.45 -16.48
C MET A 19 3.37 0.27 -17.42
N LYS A 20 2.48 0.35 -18.41
CA LYS A 20 2.49 -0.64 -19.49
C LYS A 20 3.87 -0.67 -20.15
N LYS A 21 4.27 -1.81 -20.65
CA LYS A 21 5.60 -1.93 -21.23
C LYS A 21 5.72 -0.98 -22.42
N ASN A 22 4.70 -0.93 -23.25
CA ASN A 22 4.68 0.00 -24.37
C ASN A 22 4.04 1.35 -24.02
N HIS A 23 4.22 1.81 -22.79
CA HIS A 23 3.56 3.04 -22.33
C HIS A 23 3.84 4.26 -23.20
N GLU A 24 5.02 4.30 -23.79
CA GLU A 24 5.44 5.44 -24.60
C GLU A 24 4.60 5.58 -25.86
N MET A 25 4.06 4.48 -26.36
CA MET A 25 3.20 4.52 -27.54
C MET A 25 1.82 5.04 -27.17
N LEU A 26 1.57 5.18 -25.86
CA LEU A 26 0.24 5.47 -25.35
C LEU A 26 0.12 6.84 -24.68
N GLU A 27 -1.08 7.18 -24.27
CA GLU A 27 -1.38 8.48 -23.79
C GLU A 27 -2.39 8.47 -22.66
N GLY A 28 -2.24 9.38 -21.70
CA GLY A 28 -3.21 9.50 -20.62
C GLY A 28 -3.37 8.24 -19.82
N ASN A 29 -4.63 7.96 -19.44
CA ASN A 29 -4.96 6.81 -18.62
C ASN A 29 -4.50 5.50 -19.22
N GLU A 30 -4.40 5.39 -20.44
CA GLU A 30 -3.99 4.20 -21.18
C GLU A 30 -2.55 3.81 -20.89
N ARG A 31 -1.77 4.73 -20.35
CA ARG A 31 -0.37 4.48 -20.03
C ARG A 31 -0.22 3.40 -18.98
N TYR A 32 -1.17 3.37 -18.06
CA TYR A 32 -1.09 2.58 -16.84
C TYR A 32 -1.95 1.31 -16.83
N GLU A 33 -1.56 0.35 -16.00
CA GLU A 33 -2.36 -0.85 -15.75
C GLU A 33 -2.21 -1.33 -14.31
N GLY A 34 -3.20 -2.09 -13.84
CA GLY A 34 -3.09 -2.72 -12.54
C GLY A 34 -4.41 -2.73 -11.81
N TYR A 35 -4.39 -3.24 -10.59
CA TYR A 35 -5.61 -3.36 -9.77
C TYR A 35 -6.34 -2.02 -9.61
N CYS A 36 -5.60 -0.98 -9.25
CA CYS A 36 -6.20 0.32 -8.96
C CYS A 36 -6.64 1.06 -10.22
N VAL A 37 -5.99 0.79 -11.35
CA VAL A 37 -6.44 1.29 -12.66
C VAL A 37 -7.81 0.73 -13.04
N ASP A 38 -7.94 -0.59 -12.94
CA ASP A 38 -9.24 -1.26 -13.12
C ASP A 38 -10.27 -0.74 -12.12
N LEU A 39 -9.86 -0.57 -10.88
CA LEU A 39 -10.79 -0.12 -9.85
C LEU A 39 -11.29 1.30 -10.15
N ALA A 40 -10.37 2.19 -10.57
CA ALA A 40 -10.74 3.54 -10.93
C ALA A 40 -11.75 3.51 -12.06
N ALA A 41 -11.51 2.65 -13.05
CA ALA A 41 -12.46 2.51 -14.15
C ALA A 41 -13.85 2.10 -13.65
N GLU A 42 -13.88 1.14 -12.72
CA GLU A 42 -15.17 0.64 -12.20
C GLU A 42 -15.92 1.70 -11.37
N ILE A 43 -15.19 2.37 -10.48
CA ILE A 43 -15.73 3.44 -9.64
C ILE A 43 -16.30 4.53 -10.53
N ALA A 44 -15.49 4.99 -11.49
CA ALA A 44 -15.89 6.05 -12.40
C ALA A 44 -17.11 5.66 -13.20
N LYS A 45 -17.15 4.41 -13.64
CA LYS A 45 -18.33 3.91 -14.35
C LYS A 45 -19.56 4.01 -13.47
N HIS A 46 -19.47 3.53 -12.24
CA HIS A 46 -20.63 3.51 -11.36
C HIS A 46 -20.99 4.86 -10.73
N CYS A 47 -20.11 5.84 -10.86
CA CYS A 47 -20.39 7.18 -10.35
C CYS A 47 -20.72 8.15 -11.48
N GLY A 48 -20.57 7.69 -12.72
CA GLY A 48 -20.86 8.52 -13.87
C GLY A 48 -19.90 9.69 -14.07
N PHE A 49 -18.62 9.49 -13.82
CA PHE A 49 -17.68 10.58 -14.08
C PHE A 49 -16.54 10.24 -15.04
N LYS A 50 -16.01 11.24 -15.75
CA LYS A 50 -14.80 11.12 -16.52
C LYS A 50 -13.66 11.41 -15.59
N TYR A 51 -12.49 10.89 -15.91
CA TYR A 51 -11.37 11.08 -15.01
C TYR A 51 -10.01 11.02 -15.68
N LYS A 52 -9.00 11.48 -14.93
CA LYS A 52 -7.62 11.59 -15.35
C LYS A 52 -6.73 11.02 -14.26
N LEU A 53 -6.02 9.98 -14.65
CA LEU A 53 -5.07 9.41 -13.70
C LEU A 53 -3.80 10.22 -13.69
N THR A 54 -3.38 10.66 -12.51
CA THR A 54 -2.12 11.38 -12.35
C THR A 54 -1.29 10.71 -11.26
N ILE A 55 0.02 10.72 -11.45
CA ILE A 55 0.92 10.11 -10.47
C ILE A 55 1.36 11.19 -9.50
N VAL A 56 1.24 10.91 -8.20
CA VAL A 56 1.60 11.90 -7.18
C VAL A 56 3.05 12.40 -7.33
N GLY A 57 3.21 13.72 -7.33
CA GLY A 57 4.48 14.35 -7.60
C GLY A 57 5.62 13.98 -6.66
N ASP A 58 5.35 13.90 -5.37
CA ASP A 58 6.41 13.65 -4.40
C ASP A 58 6.67 12.19 -4.08
N GLY A 59 5.89 11.29 -4.69
CA GLY A 59 6.09 9.86 -4.47
C GLY A 59 5.67 9.36 -3.11
N LYS A 60 4.81 10.11 -2.43
CA LYS A 60 4.40 9.76 -1.07
C LYS A 60 2.90 9.47 -0.94
N TYR A 61 2.53 8.76 0.12
CA TYR A 61 1.14 8.38 0.32
C TYR A 61 0.37 9.43 1.10
N GLY A 62 0.95 9.91 2.20
CA GLY A 62 0.26 10.88 3.02
C GLY A 62 0.69 10.88 4.48
N ALA A 63 1.53 11.85 4.83
CA ALA A 63 1.94 12.07 6.21
C ALA A 63 2.03 13.57 6.48
N ARG A 64 1.88 13.95 7.74
CA ARG A 64 1.95 15.35 8.14
C ARG A 64 3.28 15.68 8.78
N ASP A 65 3.95 16.71 8.28
CA ASP A 65 5.20 17.15 8.90
C ASP A 65 4.94 17.73 10.28
N ALA A 66 5.68 17.24 11.28
CA ALA A 66 5.44 17.64 12.66
C ALA A 66 5.65 19.14 12.90
N ASP A 67 6.69 19.70 12.31
CA ASP A 67 6.96 21.14 12.37
C ASP A 67 6.09 22.06 11.55
N THR A 68 5.98 21.82 10.27
CA THR A 68 5.24 22.70 9.39
C THR A 68 3.74 22.40 9.31
N LYS A 69 3.40 21.22 9.72
CA LYS A 69 2.07 20.72 9.65
C LYS A 69 1.53 20.61 8.22
N ILE A 70 2.38 20.58 7.21
CA ILE A 70 1.94 20.34 5.86
C ILE A 70 1.78 18.83 5.52
N TRP A 71 0.69 18.42 4.89
CA TRP A 71 0.53 17.05 4.44
C TRP A 71 1.22 16.80 3.11
N ASN A 72 1.96 15.70 3.02
CA ASN A 72 2.61 15.35 1.78
C ASN A 72 1.80 14.31 1.02
N GLY A 73 2.30 13.89 -0.13
CA GLY A 73 1.75 12.73 -0.82
C GLY A 73 0.32 12.89 -1.31
N MET A 74 -0.36 11.76 -1.52
CA MET A 74 -1.70 11.75 -2.11
C MET A 74 -2.70 12.45 -1.19
N VAL A 75 -2.57 12.21 0.12
CA VAL A 75 -3.42 12.89 1.09
C VAL A 75 -3.21 14.40 0.94
N GLY A 76 -1.95 14.81 0.79
CA GLY A 76 -1.63 16.22 0.58
C GLY A 76 -2.33 16.77 -0.66
N GLU A 77 -2.26 16.03 -1.77
CA GLU A 77 -2.93 16.44 -3.00
C GLU A 77 -4.43 16.64 -2.80
N LEU A 78 -5.05 15.76 -2.00
CA LEU A 78 -6.47 15.91 -1.67
C LEU A 78 -6.74 17.14 -0.78
N VAL A 79 -5.98 17.28 0.28
CA VAL A 79 -6.15 18.34 1.26
C VAL A 79 -5.97 19.73 0.65
N TYR A 80 -5.01 19.87 -0.26
CA TYR A 80 -4.69 21.19 -0.83
C TYR A 80 -5.36 21.46 -2.17
N GLY A 81 -6.23 20.56 -2.60
CA GLY A 81 -7.07 20.80 -3.76
C GLY A 81 -6.45 20.51 -5.11
N LYS A 82 -5.34 19.83 -5.11
CA LYS A 82 -4.68 19.37 -6.29
C LYS A 82 -5.30 18.17 -7.01
N ALA A 83 -5.98 17.35 -6.26
CA ALA A 83 -6.62 16.16 -6.80
C ALA A 83 -7.97 16.01 -6.14
N ASP A 84 -8.90 15.32 -6.81
CA ASP A 84 -10.26 15.18 -6.31
C ASP A 84 -10.47 13.85 -5.60
N ILE A 85 -9.61 12.88 -5.89
CA ILE A 85 -9.79 11.54 -5.33
C ILE A 85 -8.45 10.80 -5.38
N ALA A 86 -8.17 9.96 -4.39
CA ALA A 86 -6.99 9.10 -4.38
C ALA A 86 -7.42 7.65 -4.49
N ILE A 87 -6.87 6.94 -5.47
CA ILE A 87 -7.19 5.53 -5.64
C ILE A 87 -5.87 4.78 -5.69
N ALA A 88 -5.51 4.16 -4.58
CA ALA A 88 -4.18 3.57 -4.39
C ALA A 88 -4.21 2.68 -3.18
N PRO A 89 -3.12 1.91 -2.94
CA PRO A 89 -3.12 1.14 -1.69
C PRO A 89 -2.87 2.05 -0.49
N LEU A 90 -3.82 2.95 -0.23
CA LEU A 90 -3.73 3.94 0.83
C LEU A 90 -4.39 3.42 2.10
N THR A 91 -3.57 3.15 3.10
CA THR A 91 -4.06 2.57 4.35
C THR A 91 -4.95 3.53 5.13
N ILE A 92 -6.12 3.03 5.54
CA ILE A 92 -7.04 3.80 6.38
C ILE A 92 -6.45 3.96 7.76
N THR A 93 -6.15 5.19 8.14
CA THR A 93 -5.59 5.46 9.47
C THR A 93 -6.31 6.62 10.12
N LEU A 94 -6.25 6.69 11.44
CA LEU A 94 -6.92 7.75 12.18
C LEU A 94 -6.44 9.13 11.77
N VAL A 95 -5.11 9.31 11.72
CA VAL A 95 -4.58 10.63 11.37
C VAL A 95 -4.99 11.06 9.98
N ARG A 96 -5.12 10.12 9.06
CA ARG A 96 -5.57 10.47 7.72
C ARG A 96 -7.07 10.76 7.68
N GLU A 97 -7.86 9.95 8.39
CA GLU A 97 -9.31 10.12 8.39
C GLU A 97 -9.73 11.45 9.00
N GLU A 98 -8.88 11.99 9.86
CA GLU A 98 -9.17 13.26 10.49
C GLU A 98 -9.19 14.38 9.44
N VAL A 99 -8.47 14.22 8.34
CA VAL A 99 -8.34 15.30 7.36
C VAL A 99 -8.91 15.03 5.96
N ILE A 100 -9.12 13.76 5.63
CA ILE A 100 -9.81 13.39 4.39
C ILE A 100 -10.87 12.35 4.72
N ASP A 101 -11.75 12.06 3.76
CA ASP A 101 -12.73 11.00 3.90
C ASP A 101 -12.24 9.73 3.22
N PHE A 102 -12.43 8.61 3.89
CA PHE A 102 -12.17 7.30 3.30
C PHE A 102 -13.50 6.60 2.99
N SER A 103 -13.56 5.93 1.85
CA SER A 103 -14.65 5.01 1.58
C SER A 103 -14.52 3.84 2.53
N LYS A 104 -15.53 2.99 2.55
CA LYS A 104 -15.37 1.65 3.13
C LYS A 104 -14.18 1.00 2.46
N PRO A 105 -13.46 0.12 3.18
CA PRO A 105 -12.24 -0.42 2.57
C PRO A 105 -12.54 -1.30 1.34
N PHE A 106 -11.67 -1.24 0.35
CA PHE A 106 -11.82 -2.09 -0.82
C PHE A 106 -10.95 -3.34 -0.79
N MET A 107 -10.05 -3.42 0.18
CA MET A 107 -9.15 -4.56 0.30
C MET A 107 -8.67 -4.64 1.74
N SER A 108 -8.57 -5.85 2.27
CA SER A 108 -8.11 -6.04 3.65
C SER A 108 -6.62 -6.33 3.63
N LEU A 109 -5.94 -5.93 4.70
CA LEU A 109 -4.52 -6.26 4.86
C LEU A 109 -4.12 -6.20 6.30
N GLY A 110 -2.90 -6.65 6.58
CA GLY A 110 -2.30 -6.45 7.86
C GLY A 110 -0.78 -6.41 7.68
N ILE A 111 -0.09 -5.79 8.62
CA ILE A 111 1.37 -5.83 8.64
C ILE A 111 1.81 -7.28 8.76
N SER A 112 2.84 -7.64 8.01
CA SER A 112 3.25 -9.03 7.90
C SER A 112 4.76 -9.10 7.71
N ILE A 113 5.28 -10.31 7.81
CA ILE A 113 6.72 -10.53 7.73
C ILE A 113 7.09 -11.25 6.44
N MET A 114 8.00 -10.65 5.70
CA MET A 114 8.60 -11.27 4.52
C MET A 114 10.01 -11.77 4.84
N ILE A 115 10.26 -13.03 4.54
CA ILE A 115 11.63 -13.58 4.65
C ILE A 115 12.12 -14.19 3.35
N LYS A 116 13.44 -14.30 3.21
CA LYS A 116 13.98 -15.12 2.14
C LYS A 116 13.75 -16.55 2.59
N LYS A 117 13.35 -17.43 1.67
CA LYS A 117 13.07 -18.82 2.06
C LYS A 117 14.24 -19.41 2.88
N GLY A 118 13.90 -20.14 3.95
CA GLY A 118 14.91 -20.73 4.79
C GLY A 118 15.30 -19.96 6.03
N THR A 119 14.91 -18.69 6.09
CA THR A 119 15.19 -17.89 7.28
C THR A 119 14.49 -18.49 8.49
N PRO A 120 15.24 -18.76 9.58
CA PRO A 120 14.66 -19.34 10.80
C PRO A 120 13.84 -18.33 11.62
N ILE A 121 12.75 -17.84 11.07
CA ILE A 121 11.85 -16.91 11.76
C ILE A 121 10.41 -17.31 11.45
N GLU A 122 9.57 -17.40 12.47
CA GLU A 122 8.17 -17.76 12.28
C GLU A 122 7.17 -16.70 12.73
N SER A 123 7.65 -15.63 13.38
CA SER A 123 6.75 -14.68 14.02
C SER A 123 7.45 -13.38 14.39
N ALA A 124 6.67 -12.34 14.70
CA ALA A 124 7.24 -11.12 15.24
C ALA A 124 8.05 -11.38 16.51
N GLU A 125 7.50 -12.19 17.41
CA GLU A 125 8.19 -12.49 18.67
C GLU A 125 9.58 -13.07 18.42
N ASP A 126 9.63 -14.02 17.48
CA ASP A 126 10.88 -14.60 16.99
C ASP A 126 11.86 -13.50 16.63
N LEU A 127 11.40 -12.54 15.83
CA LEU A 127 12.26 -11.45 15.39
C LEU A 127 12.76 -10.66 16.60
N SER A 128 11.87 -10.44 17.55
CA SER A 128 12.15 -9.54 18.66
C SER A 128 13.12 -10.13 19.67
N LYS A 129 13.47 -11.31 19.47
CA LYS A 129 14.23 -11.97 20.51
C LYS A 129 15.67 -12.34 20.12
N GLN A 130 15.94 -11.80 18.96
CA GLN A 130 17.25 -12.06 18.37
C GLN A 130 17.81 -10.84 17.67
N THR A 131 19.06 -10.92 17.23
CA THR A 131 19.70 -9.78 16.58
C THR A 131 20.46 -10.16 15.32
N GLU A 132 20.67 -11.46 15.10
CA GLU A 132 21.43 -11.92 13.94
C GLU A 132 20.71 -11.55 12.65
N ILE A 133 19.40 -11.73 12.65
CA ILE A 133 18.58 -11.33 11.52
C ILE A 133 18.04 -9.93 11.77
N ALA A 134 18.51 -8.98 10.97
CA ALA A 134 18.03 -7.62 11.02
C ALA A 134 16.65 -7.57 10.40
N TYR A 135 15.87 -6.56 10.76
CA TYR A 135 14.54 -6.41 10.19
C TYR A 135 14.11 -4.97 10.23
N GLY A 136 13.26 -4.58 9.28
CA GLY A 136 12.83 -3.19 9.28
C GLY A 136 11.60 -2.91 8.46
N THR A 137 11.23 -1.64 8.37
CA THR A 137 10.05 -1.22 7.65
C THR A 137 10.40 -0.14 6.65
N LEU A 138 9.42 0.28 5.86
CA LEU A 138 9.55 1.49 5.07
C LEU A 138 9.83 2.66 6.00
N ASP A 139 10.53 3.66 5.47
CA ASP A 139 11.04 4.76 6.26
C ASP A 139 9.95 5.73 6.70
N SER A 140 8.76 5.57 6.14
CA SER A 140 7.59 6.30 6.62
C SER A 140 6.36 5.60 6.05
N GLY A 141 5.18 5.91 6.59
CA GLY A 141 4.00 5.19 6.18
C GLY A 141 3.36 4.52 7.38
N SER A 142 2.27 3.82 7.15
CA SER A 142 1.46 3.32 8.25
C SER A 142 2.15 2.20 9.04
N THR A 143 3.01 1.43 8.39
CA THR A 143 3.70 0.36 9.10
C THR A 143 4.66 0.91 10.16
N LYS A 144 5.46 1.88 9.73
CA LYS A 144 6.44 2.48 10.62
C LYS A 144 5.72 3.15 11.78
N GLU A 145 4.65 3.88 11.49
CA GLU A 145 3.85 4.51 12.54
C GLU A 145 3.26 3.49 13.52
N PHE A 146 2.81 2.35 12.99
CA PHE A 146 2.33 1.27 13.82
C PHE A 146 3.39 0.91 14.85
N PHE A 147 4.62 0.73 14.38
CA PHE A 147 5.68 0.35 15.31
C PHE A 147 6.06 1.48 16.29
N ARG A 148 6.22 2.68 15.75
CA ARG A 148 6.55 3.86 16.54
C ARG A 148 5.56 4.08 17.69
N ARG A 149 4.28 3.79 17.46
CA ARG A 149 3.25 4.06 18.47
C ARG A 149 2.83 2.88 19.35
N SER A 150 3.25 1.68 18.99
CA SER A 150 2.74 0.49 19.68
C SER A 150 3.12 0.43 21.16
N LYS A 151 2.19 -0.05 22.00
CA LYS A 151 2.47 -0.24 23.42
C LYS A 151 2.58 -1.73 23.71
N ILE A 152 2.26 -2.54 22.70
CA ILE A 152 2.40 -3.98 22.80
C ILE A 152 3.88 -4.33 22.95
N ALA A 153 4.16 -5.18 23.95
CA ALA A 153 5.51 -5.51 24.37
C ALA A 153 6.45 -5.84 23.22
N VAL A 154 6.13 -6.91 22.50
CA VAL A 154 6.93 -7.35 21.37
C VAL A 154 7.15 -6.23 20.34
N PHE A 155 6.11 -5.49 20.04
CA PHE A 155 6.22 -4.47 18.99
C PHE A 155 7.05 -3.29 19.48
N ASP A 156 6.88 -2.95 20.75
CA ASP A 156 7.70 -1.94 21.43
C ASP A 156 9.18 -2.31 21.35
N LYS A 157 9.50 -3.56 21.70
CA LYS A 157 10.87 -4.05 21.63
C LYS A 157 11.42 -3.96 20.20
N MET A 158 10.57 -4.32 19.23
CA MET A 158 11.01 -4.26 17.82
C MET A 158 11.30 -2.83 17.39
N TRP A 159 10.40 -1.90 17.69
CA TRP A 159 10.61 -0.51 17.34
C TRP A 159 11.90 0.01 17.99
N THR A 160 12.09 -0.35 19.26
CA THR A 160 13.26 0.12 20.00
C THR A 160 14.53 -0.35 19.30
N TYR A 161 14.54 -1.62 18.87
CA TYR A 161 15.66 -2.11 18.06
C TYR A 161 15.83 -1.33 16.75
N MET A 162 14.74 -1.20 15.98
CA MET A 162 14.77 -0.66 14.62
C MET A 162 15.20 0.80 14.56
N ARG A 163 14.74 1.63 15.49
CA ARG A 163 15.05 3.03 15.47
C ARG A 163 16.51 3.28 15.74
N SER A 164 17.18 2.37 16.37
CA SER A 164 18.58 2.57 16.76
C SER A 164 19.58 1.72 15.97
N ALA A 165 19.10 0.75 15.21
CA ALA A 165 19.99 -0.16 14.48
C ALA A 165 20.88 0.59 13.49
N GLU A 166 22.15 0.19 13.45
CA GLU A 166 23.13 0.74 12.51
C GLU A 166 23.83 -0.38 11.75
N PRO A 167 23.85 -0.30 10.42
CA PRO A 167 23.23 0.72 9.57
C PRO A 167 21.71 0.59 9.52
N SER A 168 21.05 1.54 8.89
CA SER A 168 19.60 1.63 8.88
C SER A 168 18.93 0.36 8.39
N VAL A 169 17.83 0.01 9.02
CA VAL A 169 17.04 -1.14 8.64
C VAL A 169 15.80 -0.66 7.89
N PHE A 170 15.67 0.65 7.73
CA PHE A 170 14.55 1.20 6.96
C PHE A 170 14.87 1.30 5.47
N VAL A 171 13.84 1.11 4.66
CA VAL A 171 13.97 1.18 3.21
C VAL A 171 13.06 2.27 2.67
N ARG A 172 13.27 2.67 1.42
CA ARG A 172 12.50 3.78 0.85
C ARG A 172 11.32 3.33 0.00
N THR A 173 11.41 2.12 -0.55
CA THR A 173 10.35 1.63 -1.42
C THR A 173 10.17 0.16 -1.18
N THR A 174 9.02 -0.37 -1.61
CA THR A 174 8.77 -1.81 -1.57
C THR A 174 9.88 -2.57 -2.31
N ALA A 175 10.22 -2.10 -3.51
CA ALA A 175 11.26 -2.74 -4.32
C ALA A 175 12.56 -2.85 -3.55
N GLU A 176 12.87 -1.83 -2.76
CA GLU A 176 14.08 -1.83 -1.96
C GLU A 176 14.04 -2.86 -0.83
N GLY A 177 12.91 -2.93 -0.12
CA GLY A 177 12.76 -3.91 0.95
C GLY A 177 12.87 -5.33 0.42
N VAL A 178 12.24 -5.57 -0.73
CA VAL A 178 12.28 -6.88 -1.37
C VAL A 178 13.70 -7.22 -1.81
N ALA A 179 14.38 -6.27 -2.45
CA ALA A 179 15.75 -6.49 -2.91
C ALA A 179 16.65 -6.81 -1.72
N ARG A 180 16.44 -6.09 -0.63
CA ARG A 180 17.23 -6.31 0.57
C ARG A 180 16.99 -7.68 1.18
N VAL A 181 15.74 -8.15 1.18
CA VAL A 181 15.47 -9.51 1.64
C VAL A 181 16.20 -10.49 0.75
N ARG A 182 16.02 -10.34 -0.55
CA ARG A 182 16.58 -11.26 -1.54
C ARG A 182 18.10 -11.34 -1.54
N LYS A 183 18.77 -10.22 -1.26
CA LYS A 183 20.22 -10.15 -1.37
C LYS A 183 20.95 -10.28 -0.04
N SER A 184 20.22 -10.45 1.06
CA SER A 184 20.87 -10.48 2.36
C SER A 184 21.08 -11.87 2.94
N LYS A 185 20.81 -12.88 2.13
CA LYS A 185 21.10 -14.27 2.49
C LYS A 185 20.43 -14.71 3.79
N GLY A 186 19.21 -14.20 4.02
CA GLY A 186 18.45 -14.57 5.19
C GLY A 186 18.72 -13.70 6.39
N LYS A 187 19.55 -12.68 6.22
CA LYS A 187 19.92 -11.82 7.34
C LYS A 187 19.10 -10.54 7.38
N TYR A 188 18.08 -10.44 6.53
CA TYR A 188 17.15 -9.32 6.62
C TYR A 188 15.71 -9.79 6.42
N ALA A 189 14.84 -9.39 7.34
CA ALA A 189 13.42 -9.63 7.20
C ALA A 189 12.72 -8.29 7.04
N TYR A 190 11.71 -8.26 6.17
CA TYR A 190 11.06 -7.01 5.83
C TYR A 190 9.62 -7.00 6.32
N LEU A 191 9.26 -5.95 7.04
CA LEU A 191 7.92 -5.79 7.60
C LEU A 191 7.09 -4.94 6.66
N LEU A 192 6.08 -5.57 6.05
CA LEU A 192 5.30 -4.88 5.01
C LEU A 192 3.88 -5.37 4.99
N GLU A 193 3.03 -4.64 4.28
CA GLU A 193 1.62 -5.00 4.24
C GLU A 193 1.42 -6.34 3.52
N SER A 194 0.52 -7.15 4.06
CA SER A 194 0.36 -8.54 3.62
C SER A 194 -0.02 -8.65 2.15
N THR A 195 -0.73 -7.64 1.65
CA THR A 195 -1.09 -7.58 0.26
C THR A 195 0.14 -7.57 -0.67
N MET A 196 1.09 -6.69 -0.39
CA MET A 196 2.32 -6.70 -1.18
C MET A 196 3.09 -8.00 -0.96
N ASN A 197 3.13 -8.47 0.28
CA ASN A 197 3.84 -9.70 0.63
C ASN A 197 3.33 -10.90 -0.21
N GLU A 198 2.02 -11.10 -0.18
CA GLU A 198 1.34 -12.16 -0.92
C GLU A 198 1.56 -12.00 -2.41
N TYR A 199 1.62 -10.76 -2.89
CA TYR A 199 1.90 -10.53 -4.30
C TYR A 199 3.31 -10.97 -4.68
N ILE A 200 4.28 -10.55 -3.87
CA ILE A 200 5.69 -10.81 -4.13
C ILE A 200 5.96 -12.31 -4.11
N GLU A 201 5.27 -13.01 -3.22
CA GLU A 201 5.46 -14.44 -3.04
C GLU A 201 5.15 -15.22 -4.30
N GLN A 202 4.31 -14.66 -5.15
CA GLN A 202 3.92 -15.32 -6.39
C GLN A 202 4.70 -14.86 -7.62
N ARG A 203 5.81 -14.17 -7.40
CA ARG A 203 6.65 -13.67 -8.49
C ARG A 203 8.06 -14.27 -8.47
N LYS A 204 8.63 -14.50 -9.66
CA LYS A 204 9.98 -15.00 -9.76
C LYS A 204 10.88 -13.91 -9.22
N PRO A 205 11.98 -14.29 -8.56
CA PRO A 205 12.50 -15.66 -8.49
C PRO A 205 11.90 -16.60 -7.44
N CYS A 206 10.73 -16.29 -6.88
CA CYS A 206 10.06 -17.22 -5.96
C CYS A 206 10.92 -17.60 -4.77
N ASP A 207 11.63 -16.63 -4.21
CA ASP A 207 12.56 -16.92 -3.13
C ASP A 207 12.18 -16.24 -1.82
N THR A 208 10.97 -15.67 -1.76
CA THR A 208 10.50 -15.08 -0.52
C THR A 208 9.23 -15.76 -0.04
N MET A 209 8.88 -15.51 1.21
CA MET A 209 7.58 -15.95 1.72
C MET A 209 7.09 -15.14 2.91
N LYS A 210 5.79 -15.18 3.11
CA LYS A 210 5.17 -14.49 4.22
C LYS A 210 5.08 -15.47 5.35
N VAL A 211 5.54 -15.09 6.52
CA VAL A 211 5.52 -16.01 7.66
C VAL A 211 4.71 -15.47 8.83
N GLY A 212 4.04 -16.37 9.54
CA GLY A 212 3.33 -16.00 10.74
C GLY A 212 1.99 -15.37 10.40
N GLY A 213 1.22 -15.03 11.43
CA GLY A 213 -0.01 -14.30 11.23
C GLY A 213 0.29 -12.83 11.00
N ASN A 214 -0.72 -12.04 10.68
CA ASN A 214 -0.51 -10.61 10.51
C ASN A 214 -0.42 -9.95 11.87
N LEU A 215 0.24 -8.80 11.93
CA LEU A 215 0.41 -8.11 13.20
C LEU A 215 -0.80 -7.23 13.53
N ASP A 216 -1.57 -6.87 12.51
CA ASP A 216 -2.80 -6.11 12.72
C ASP A 216 -3.81 -6.39 11.62
N SER A 217 -4.97 -5.73 11.66
CA SER A 217 -5.98 -5.91 10.62
C SER A 217 -6.61 -4.59 10.22
N LYS A 218 -6.49 -4.25 8.95
CA LYS A 218 -7.02 -2.99 8.46
C LYS A 218 -7.37 -3.09 6.98
N GLY A 219 -7.55 -1.94 6.34
CA GLY A 219 -7.93 -1.93 4.95
C GLY A 219 -7.36 -0.76 4.17
N TYR A 220 -7.42 -0.86 2.85
CA TYR A 220 -7.15 0.29 1.98
C TYR A 220 -8.49 0.95 1.67
N GLY A 221 -8.49 2.27 1.62
CA GLY A 221 -9.71 2.99 1.29
C GLY A 221 -9.47 3.99 0.18
N ILE A 222 -10.52 4.29 -0.58
CA ILE A 222 -10.46 5.39 -1.53
C ILE A 222 -10.65 6.70 -0.79
N ALA A 223 -9.83 7.70 -1.08
CA ALA A 223 -9.88 8.93 -0.30
C ALA A 223 -10.40 10.11 -1.12
N THR A 224 -11.19 10.96 -0.49
CA THR A 224 -11.69 12.20 -1.10
C THR A 224 -11.51 13.34 -0.11
N PRO A 225 -11.40 14.59 -0.60
CA PRO A 225 -11.32 15.75 0.30
C PRO A 225 -12.57 15.77 1.16
N LYS A 226 -12.46 16.22 2.41
CA LYS A 226 -13.64 16.30 3.26
C LYS A 226 -14.72 17.18 2.63
N GLY A 227 -15.94 16.66 2.57
CA GLY A 227 -17.04 17.42 2.02
C GLY A 227 -17.18 17.33 0.51
N SER A 228 -16.41 16.46 -0.11
CA SER A 228 -16.54 16.28 -1.56
C SER A 228 -17.90 15.66 -1.91
N SER A 229 -18.41 16.03 -3.06
CA SER A 229 -19.65 15.46 -3.57
C SER A 229 -19.41 14.05 -4.11
N LEU A 230 -18.14 13.67 -4.21
CA LEU A 230 -17.77 12.35 -4.71
C LEU A 230 -17.81 11.31 -3.62
N GLY A 231 -17.65 11.74 -2.37
CA GLY A 231 -17.61 10.84 -1.23
C GLY A 231 -18.70 9.79 -1.16
N THR A 232 -19.95 10.26 -1.18
CA THR A 232 -21.09 9.33 -1.06
C THR A 232 -21.20 8.33 -2.23
N PRO A 233 -21.21 8.83 -3.48
CA PRO A 233 -21.27 7.87 -4.59
C PRO A 233 -20.07 6.92 -4.63
N VAL A 234 -18.88 7.38 -4.31
CA VAL A 234 -17.71 6.50 -4.30
C VAL A 234 -17.90 5.39 -3.28
N ASN A 235 -18.35 5.77 -2.09
CA ASN A 235 -18.58 4.79 -1.05
C ASN A 235 -19.58 3.72 -1.46
N LEU A 236 -20.70 4.18 -2.03
CA LEU A 236 -21.71 3.24 -2.50
C LEU A 236 -21.16 2.35 -3.61
N ALA A 237 -20.35 2.92 -4.49
CA ALA A 237 -19.76 2.14 -5.57
C ALA A 237 -18.86 1.04 -5.01
N VAL A 238 -18.07 1.35 -3.98
CA VAL A 238 -17.23 0.33 -3.34
C VAL A 238 -18.08 -0.80 -2.76
N LEU A 239 -19.13 -0.45 -2.03
CA LEU A 239 -20.03 -1.50 -1.51
C LEU A 239 -20.58 -2.40 -2.62
N LYS A 240 -21.00 -1.76 -3.71
CA LYS A 240 -21.57 -2.48 -4.84
C LYS A 240 -20.55 -3.44 -5.48
N LEU A 241 -19.36 -2.94 -5.73
CA LEU A 241 -18.28 -3.74 -6.29
C LEU A 241 -17.91 -4.94 -5.40
N SER A 242 -17.90 -4.72 -4.09
CA SER A 242 -17.72 -5.81 -3.13
C SER A 242 -18.82 -6.85 -3.36
N GLU A 243 -20.06 -6.42 -3.22
CA GLU A 243 -21.19 -7.35 -3.25
C GLU A 243 -21.35 -8.06 -4.61
N GLN A 244 -20.86 -7.46 -5.69
CA GLN A 244 -20.92 -8.08 -7.02
C GLN A 244 -19.75 -9.01 -7.33
N GLY A 245 -18.85 -9.19 -6.37
CA GLY A 245 -17.70 -10.05 -6.59
C GLY A 245 -16.58 -9.43 -7.41
N VAL A 246 -16.72 -8.16 -7.76
CA VAL A 246 -15.72 -7.49 -8.62
C VAL A 246 -14.37 -7.29 -7.93
N LEU A 247 -14.40 -6.91 -6.65
CA LEU A 247 -13.16 -6.77 -5.89
C LEU A 247 -12.39 -8.10 -5.78
N ASP A 248 -13.10 -9.19 -5.57
CA ASP A 248 -12.46 -10.52 -5.53
C ASP A 248 -11.84 -10.87 -6.87
N LYS A 249 -12.62 -10.66 -7.93
CA LYS A 249 -12.17 -10.92 -9.29
C LYS A 249 -10.90 -10.12 -9.63
N LEU A 250 -10.88 -8.84 -9.26
CA LEU A 250 -9.72 -7.98 -9.52
C LEU A 250 -8.49 -8.38 -8.72
N LYS A 251 -8.67 -8.75 -7.46
CA LYS A 251 -7.52 -9.22 -6.70
C LYS A 251 -6.98 -10.52 -7.29
N ASN A 252 -7.87 -11.45 -7.64
CA ASN A 252 -7.39 -12.64 -8.33
C ASN A 252 -6.67 -12.33 -9.62
N LYS A 253 -7.22 -11.40 -10.39
CA LYS A 253 -6.63 -11.03 -11.68
C LYS A 253 -5.21 -10.55 -11.49
N TRP A 254 -4.99 -9.70 -10.51
CA TRP A 254 -3.68 -9.07 -10.38
C TRP A 254 -2.66 -9.76 -9.43
N TRP A 255 -3.14 -10.69 -8.60
CA TRP A 255 -2.28 -11.40 -7.66
C TRP A 255 -2.00 -12.86 -8.04
N TYR A 256 -3.05 -13.58 -8.40
CA TYR A 256 -2.95 -15.04 -8.45
C TYR A 256 -3.11 -15.67 -9.82
N ASP A 257 -4.00 -15.12 -10.65
CA ASP A 257 -4.32 -15.73 -11.93
C ASP A 257 -3.08 -16.05 -12.75
N LYS A 258 -2.09 -15.15 -12.71
CA LYS A 258 -0.84 -15.40 -13.42
C LYS A 258 0.36 -15.45 -12.48
N GLY A 259 0.13 -16.01 -11.29
CA GLY A 259 1.19 -16.26 -10.33
C GLY A 259 2.29 -17.04 -11.02
N GLU A 260 3.54 -16.74 -10.68
CA GLU A 260 4.69 -17.27 -11.40
C GLU A 260 5.47 -18.33 -10.61
N CYS A 261 4.94 -18.73 -9.47
CA CYS A 261 5.66 -19.64 -8.60
C CYS A 261 4.93 -20.96 -8.43
N GLY A 262 4.12 -21.29 -9.44
CA GLY A 262 3.45 -22.57 -9.48
C GLY A 262 2.12 -22.59 -8.76
N SER A 263 1.59 -23.79 -8.54
CA SER A 263 0.34 -23.96 -7.84
C SER A 263 0.56 -24.72 -6.54
#